data_6FI1
#
_entry.id   6FI1
#
_cell.length_a   37.779
_cell.length_b   45.470
_cell.length_c   64.829
_cell.angle_alpha   90.00
_cell.angle_beta   90.00
_cell.angle_gamma   90.00
#
_symmetry.space_group_name_H-M   'P 21 21 21'
#
loop_
_entity.id
_entity.type
_entity.pdbx_description
1 polymer 'Bromodomain adjacent to zinc finger domain protein 2B'
2 non-polymer 'ZINC ION'
3 non-polymer ~{N}-(4-aminophenyl)-2-azanyl-ethanamide
#
_entity_poly.entity_id   1
_entity_poly.type   'polypeptide(L)'
_entity_poly.pdbx_seq_one_letter_code
;HMSIMKVYCQICRKGDNEELLLLCDGCDKGCHTYCHRPKITTIPDGDWFCPACIAKAS
;
_entity_poly.pdbx_strand_id   A,B
#
loop_
_chem_comp.id
_chem_comp.type
_chem_comp.name
_chem_comp.formula
D3H non-polymer ~{N}-(4-aminophenyl)-2-azanyl-ethanamide 'C8 H11 N3 O'
ZN non-polymer 'ZINC ION' 'Zn 2'
#
# COMPACT_ATOMS: atom_id res chain seq x y z
N MET A 2 24.06 -19.37 13.49
CA MET A 2 23.13 -18.29 13.99
C MET A 2 22.61 -17.44 12.85
N SER A 3 21.42 -16.91 13.05
CA SER A 3 20.90 -15.87 12.18
C SER A 3 19.96 -14.92 12.96
N ILE A 4 20.13 -13.60 12.79
CA ILE A 4 19.32 -12.59 13.51
C ILE A 4 18.47 -11.75 12.53
N MET A 5 17.14 -11.81 12.68
CA MET A 5 16.25 -10.90 11.94
C MET A 5 15.67 -9.81 12.87
N LYS A 6 16.05 -8.54 12.71
CA LYS A 6 15.27 -7.41 13.31
C LYS A 6 14.56 -6.65 12.25
N VAL A 7 13.28 -6.42 12.46
CA VAL A 7 12.45 -5.84 11.44
C VAL A 7 12.59 -4.33 11.49
N TYR A 8 12.79 -3.76 10.31
CA TYR A 8 12.88 -2.31 10.11
CA TYR A 8 12.88 -2.31 10.10
C TYR A 8 11.85 -1.89 9.05
N CYS A 9 11.36 -0.68 9.16
CA CYS A 9 10.36 -0.20 8.25
C CYS A 9 11.05 0.17 6.98
N GLN A 10 10.59 -0.35 5.85
CA GLN A 10 11.25 -0.09 4.56
C GLN A 10 11.48 1.39 4.27
N ILE A 11 10.65 2.27 4.81
CA ILE A 11 10.70 3.68 4.48
C ILE A 11 11.62 4.48 5.39
N CYS A 12 11.30 4.53 6.67
CA CYS A 12 12.12 5.33 7.57
C CYS A 12 13.32 4.56 8.08
N ARG A 13 13.29 3.24 7.91
CA ARG A 13 14.43 2.36 8.18
C ARG A 13 14.70 2.20 9.67
N LYS A 14 13.64 2.16 10.46
CA LYS A 14 13.69 2.05 11.90
C LYS A 14 12.68 1.05 12.37
N GLY A 15 13.01 0.34 13.44
CA GLY A 15 12.18 -0.74 13.97
C GLY A 15 11.33 -0.33 15.16
N ASP A 16 11.32 0.96 15.51
CA ASP A 16 10.50 1.44 16.63
C ASP A 16 8.99 1.40 16.32
N ASN A 17 8.15 1.79 17.27
CA ASN A 17 6.69 1.72 17.13
C ASN A 17 6.13 0.42 16.56
N GLU A 18 6.72 -0.68 16.97
CA GLU A 18 6.24 -2.01 16.62
C GLU A 18 4.71 -2.18 16.49
N GLU A 19 3.90 -1.58 17.37
CA GLU A 19 2.43 -1.65 17.20
C GLU A 19 1.89 -1.06 15.87
N LEU A 20 2.60 -0.11 15.28
CA LEU A 20 2.17 0.44 13.98
C LEU A 20 3.01 -0.07 12.81
N LEU A 21 3.73 -1.16 13.01
CA LEU A 21 4.66 -1.65 12.04
C LEU A 21 4.03 -2.83 11.36
N LEU A 22 3.64 -2.68 10.10
CA LEU A 22 3.06 -3.79 9.37
C LEU A 22 4.13 -4.68 8.76
N LEU A 23 4.23 -5.91 9.24
CA LEU A 23 5.07 -6.96 8.62
C LEU A 23 4.24 -7.57 7.50
N CYS A 24 4.73 -7.51 6.26
CA CYS A 24 4.01 -8.12 5.14
C CYS A 24 4.20 -9.62 5.19
N ASP A 25 3.10 -10.38 5.19
CA ASP A 25 3.20 -11.85 5.24
C ASP A 25 3.53 -12.53 3.94
N GLY A 26 3.60 -11.77 2.85
CA GLY A 26 4.16 -12.25 1.60
C GLY A 26 5.67 -12.35 1.69
N CYS A 27 6.29 -11.18 1.77
CA CYS A 27 7.74 -11.00 1.64
C CYS A 27 8.47 -10.69 2.95
N ASP A 28 7.77 -10.81 4.08
CA ASP A 28 8.32 -10.50 5.40
C ASP A 28 8.85 -9.09 5.60
N LYS A 29 8.45 -8.11 4.79
CA LYS A 29 8.96 -6.74 4.94
C LYS A 29 8.04 -5.92 5.78
N GLY A 30 8.54 -4.82 6.28
CA GLY A 30 7.88 -4.02 7.28
C GLY A 30 7.67 -2.65 6.72
N CYS A 31 6.61 -2.01 7.19
CA CYS A 31 6.38 -0.63 6.90
C CYS A 31 5.44 -0.03 7.97
N HIS A 32 5.85 1.04 8.59
CA HIS A 32 4.97 1.75 9.55
C HIS A 32 3.75 2.23 8.82
N THR A 33 2.61 2.20 9.50
CA THR A 33 1.37 2.68 8.92
C THR A 33 1.53 4.15 8.51
N TYR A 34 2.21 4.90 9.37
CA TYR A 34 2.38 6.34 9.15
C TYR A 34 3.41 6.67 8.04
N CYS A 35 4.25 5.72 7.67
CA CYS A 35 5.20 5.88 6.57
C CYS A 35 4.58 5.59 5.21
N HIS A 36 3.54 4.79 5.22
CA HIS A 36 2.78 4.51 4.01
C HIS A 36 2.19 5.76 3.39
N ARG A 37 2.28 5.84 2.07
CA ARG A 37 1.50 6.78 1.28
C ARG A 37 0.70 5.92 0.33
N PRO A 38 -0.63 5.92 0.38
CA PRO A 38 -1.42 6.65 1.35
C PRO A 38 -1.29 6.03 2.70
N LYS A 39 -1.48 6.83 3.75
CA LYS A 39 -1.37 6.37 5.16
C LYS A 39 -2.45 5.39 5.49
N ILE A 40 -2.09 4.45 6.36
CA ILE A 40 -3.01 3.45 6.83
C ILE A 40 -3.59 4.02 8.08
N THR A 41 -4.89 4.09 8.17
CA THR A 41 -5.47 4.41 9.47
C THR A 41 -6.21 3.26 10.14
N THR A 42 -6.47 2.16 9.42
CA THR A 42 -6.94 0.88 10.02
C THR A 42 -5.77 -0.09 10.30
N ILE A 43 -5.44 -0.28 11.58
CA ILE A 43 -4.43 -1.30 11.94
C ILE A 43 -5.11 -2.65 11.59
N PRO A 44 -4.52 -3.42 10.64
CA PRO A 44 -5.21 -4.56 10.04
C PRO A 44 -5.62 -5.58 11.09
N ASP A 45 -6.75 -6.21 10.87
CA ASP A 45 -7.30 -7.10 11.86
C ASP A 45 -6.58 -8.45 11.88
N GLY A 46 -6.09 -8.86 10.71
CA GLY A 46 -5.42 -10.13 10.52
C GLY A 46 -4.14 -9.95 9.73
N ASP A 47 -4.13 -10.47 8.49
CA ASP A 47 -2.93 -10.58 7.65
C ASP A 47 -2.70 -9.46 6.62
N TRP A 48 -1.44 -9.07 6.46
CA TRP A 48 -1.05 -7.91 5.67
C TRP A 48 -0.25 -8.32 4.42
N PHE A 49 -0.76 -7.99 3.26
CA PHE A 49 0.01 -8.13 2.07
C PHE A 49 0.34 -6.74 1.59
N CYS A 50 1.65 -6.51 1.41
CA CYS A 50 2.20 -5.22 1.04
C CYS A 50 1.77 -4.92 -0.38
N PRO A 51 1.81 -3.63 -0.77
CA PRO A 51 1.39 -3.23 -2.12
C PRO A 51 2.12 -3.99 -3.25
N ALA A 52 3.42 -4.23 -3.08
CA ALA A 52 4.22 -4.93 -4.08
C ALA A 52 3.74 -6.35 -4.28
N CYS A 53 3.44 -7.02 -3.16
CA CYS A 53 3.00 -8.41 -3.21
C CYS A 53 1.65 -8.59 -3.94
N ILE A 54 0.76 -7.63 -3.76
CA ILE A 54 -0.59 -7.67 -4.33
C ILE A 54 -0.56 -7.56 -5.85
N ALA A 55 0.23 -6.61 -6.36
CA ALA A 55 0.40 -6.45 -7.83
C ALA A 55 1.08 -7.67 -8.51
N LYS A 56 1.82 -8.47 -7.74
CA LYS A 56 2.30 -9.78 -8.22
C LYS A 56 1.17 -10.80 -8.21
N ALA A 57 0.47 -10.86 -7.08
CA ALA A 57 -0.64 -11.80 -6.87
C ALA A 57 -1.88 -11.47 -7.72
N SER A 58 -2.01 -10.23 -8.14
CA SER A 58 -3.01 -9.81 -9.13
C SER A 58 -2.53 -10.26 -10.49
N MET B 2 -27.63 8.89 -5.49
CA MET B 2 -26.35 8.46 -6.15
C MET B 2 -25.53 9.65 -6.64
N SER B 3 -24.29 9.37 -7.05
CA SER B 3 -23.42 10.36 -7.70
C SER B 3 -22.21 9.70 -8.39
N ILE B 4 -21.66 10.39 -9.38
CA ILE B 4 -20.55 9.89 -10.21
C ILE B 4 -19.44 10.93 -10.28
N MET B 5 -18.20 10.49 -10.46
CA MET B 5 -17.07 11.40 -10.70
C MET B 5 -15.85 10.74 -11.32
N LYS B 6 -14.98 11.60 -11.86
CA LYS B 6 -13.70 11.21 -12.42
C LYS B 6 -12.73 11.01 -11.27
N VAL B 7 -12.02 9.90 -11.29
CA VAL B 7 -10.98 9.65 -10.29
C VAL B 7 -9.65 10.30 -10.69
N TYR B 8 -9.04 10.95 -9.71
CA TYR B 8 -7.66 11.35 -9.78
C TYR B 8 -6.95 10.73 -8.63
N CYS B 9 -5.64 10.84 -8.66
CA CYS B 9 -4.79 10.37 -7.61
C CYS B 9 -5.06 11.14 -6.30
N GLN B 10 -5.26 10.45 -5.19
CA GLN B 10 -5.41 11.15 -3.90
C GLN B 10 -4.20 11.97 -3.55
N ILE B 11 -3.01 11.46 -3.80
CA ILE B 11 -1.81 12.07 -3.24
C ILE B 11 -1.47 13.35 -3.94
N CYS B 12 -1.33 13.26 -5.28
CA CYS B 12 -0.94 14.45 -6.03
C CYS B 12 -2.11 15.13 -6.65
N ARG B 13 -3.32 14.60 -6.50
CA ARG B 13 -4.54 15.25 -6.98
C ARG B 13 -4.50 15.59 -8.44
N LYS B 14 -4.21 14.65 -9.30
CA LYS B 14 -4.03 14.99 -10.72
C LYS B 14 -4.41 13.86 -11.63
N GLY B 15 -4.72 14.26 -12.87
CA GLY B 15 -5.32 13.37 -13.83
C GLY B 15 -4.33 12.80 -14.80
N ASP B 16 -3.15 13.44 -14.92
CA ASP B 16 -2.10 12.97 -15.81
C ASP B 16 -1.67 11.53 -15.50
N ASN B 17 -1.08 10.87 -16.50
CA ASN B 17 -0.61 9.50 -16.39
C ASN B 17 -1.73 8.53 -16.03
N GLU B 18 -2.85 8.64 -16.71
CA GLU B 18 -4.00 7.80 -16.41
C GLU B 18 -3.58 6.36 -16.29
N GLU B 19 -2.76 5.92 -17.23
CA GLU B 19 -2.24 4.55 -17.26
C GLU B 19 -1.46 4.08 -15.99
N LEU B 20 -0.90 5.02 -15.23
CA LEU B 20 -0.15 4.71 -14.01
C LEU B 20 -0.95 4.97 -12.76
N LEU B 21 -2.27 4.95 -12.92
CA LEU B 21 -3.17 5.34 -11.90
C LEU B 21 -3.97 4.13 -11.54
N LEU B 22 -3.69 3.61 -10.36
CA LEU B 22 -4.34 2.43 -9.81
C LEU B 22 -5.68 2.75 -9.13
N LEU B 23 -6.78 2.31 -9.75
CA LEU B 23 -8.12 2.47 -9.21
C LEU B 23 -8.48 1.23 -8.40
N CYS B 24 -8.80 1.47 -7.14
CA CYS B 24 -9.08 0.37 -6.22
C CYS B 24 -10.43 -0.35 -6.54
N ASP B 25 -10.35 -1.56 -7.07
CA ASP B 25 -11.56 -2.34 -7.40
C ASP B 25 -12.45 -2.66 -6.19
N GLY B 26 -11.92 -2.49 -4.97
CA GLY B 26 -12.72 -2.32 -3.75
C GLY B 26 -13.32 -0.92 -3.63
N CYS B 27 -12.66 -0.02 -2.89
CA CYS B 27 -13.20 1.33 -2.59
C CYS B 27 -13.20 2.37 -3.73
N ASP B 28 -12.63 2.05 -4.89
CA ASP B 28 -12.67 2.96 -6.06
C ASP B 28 -12.03 4.34 -5.86
N LYS B 29 -10.89 4.35 -5.17
CA LYS B 29 -9.97 5.50 -5.17
C LYS B 29 -8.73 5.22 -6.00
N GLY B 30 -8.05 6.32 -6.29
CA GLY B 30 -6.95 6.34 -7.18
C GLY B 30 -5.68 6.78 -6.51
N CYS B 31 -4.61 6.20 -7.00
CA CYS B 31 -3.29 6.57 -6.57
C CYS B 31 -2.35 6.15 -7.70
N HIS B 32 -1.59 7.08 -8.25
CA HIS B 32 -0.49 6.72 -9.14
C HIS B 32 0.45 5.72 -8.47
N THR B 33 1.02 4.85 -9.29
CA THR B 33 2.09 3.93 -8.90
C THR B 33 3.24 4.72 -8.25
N TYR B 34 3.69 5.73 -8.95
CA TYR B 34 4.82 6.57 -8.46
C TYR B 34 4.49 7.57 -7.33
N CYS B 35 3.25 7.65 -6.89
CA CYS B 35 2.85 8.48 -5.73
C CYS B 35 2.61 7.62 -4.47
N HIS B 36 2.36 6.34 -4.71
CA HIS B 36 2.45 5.35 -3.69
C HIS B 36 3.80 5.33 -3.00
N ARG B 37 3.78 5.12 -1.70
CA ARG B 37 4.99 4.95 -0.96
C ARG B 37 4.73 3.75 -0.06
N PRO B 38 5.52 2.68 -0.19
CA PRO B 38 6.53 2.52 -1.26
C PRO B 38 5.88 2.55 -2.64
N LYS B 39 6.58 3.17 -3.60
CA LYS B 39 6.26 3.10 -5.04
C LYS B 39 6.09 1.65 -5.50
N ILE B 40 5.21 1.48 -6.48
CA ILE B 40 4.79 0.19 -6.97
C ILE B 40 5.37 0.02 -8.36
N THR B 41 6.41 -0.80 -8.46
CA THR B 41 7.09 -1.04 -9.75
C THR B 41 6.30 -2.00 -10.68
N THR B 42 5.83 -3.14 -10.16
CA THR B 42 4.94 -4.04 -10.94
C THR B 42 3.49 -3.58 -10.94
N ILE B 43 2.84 -3.65 -12.10
CA ILE B 43 1.50 -3.13 -12.27
C ILE B 43 0.53 -4.33 -12.23
N PRO B 44 -0.63 -4.21 -11.55
CA PRO B 44 -1.58 -5.34 -11.45
C PRO B 44 -2.19 -5.82 -12.77
N ASP B 45 -2.13 -7.12 -13.00
CA ASP B 45 -2.76 -7.70 -14.18
C ASP B 45 -4.27 -7.73 -13.98
N GLY B 46 -4.71 -8.26 -12.84
CA GLY B 46 -6.14 -8.51 -12.57
C GLY B 46 -6.79 -7.41 -11.75
N ASP B 47 -7.15 -7.75 -10.51
CA ASP B 47 -7.89 -6.86 -9.60
C ASP B 47 -6.95 -6.13 -8.66
N TRP B 48 -7.22 -4.85 -8.41
CA TRP B 48 -6.41 -4.05 -7.48
C TRP B 48 -7.20 -3.72 -6.22
N PHE B 49 -6.56 -3.90 -5.09
CA PHE B 49 -7.11 -3.43 -3.82
C PHE B 49 -6.01 -2.67 -3.11
N CYS B 50 -6.38 -1.47 -2.68
CA CYS B 50 -5.43 -0.54 -2.15
C CYS B 50 -5.04 -1.00 -0.74
N PRO B 51 -3.95 -0.47 -0.20
CA PRO B 51 -3.43 -0.94 1.10
C PRO B 51 -4.44 -0.75 2.23
N ALA B 52 -5.08 0.42 2.28
CA ALA B 52 -6.15 0.66 3.25
C ALA B 52 -7.26 -0.41 3.20
N CYS B 53 -7.70 -0.83 2.00
CA CYS B 53 -8.70 -1.92 1.85
C CYS B 53 -8.18 -3.28 2.39
N ILE B 54 -6.90 -3.59 2.10
CA ILE B 54 -6.25 -4.88 2.49
C ILE B 54 -6.36 -5.16 4.00
N ALA B 55 -6.27 -4.09 4.81
CA ALA B 55 -6.39 -4.15 6.29
C ALA B 55 -7.83 -4.27 6.81
N LYS B 56 -8.71 -3.35 6.37
CA LYS B 56 -10.13 -3.32 6.78
C LYS B 56 -10.78 -4.70 6.67
N ALA B 57 -10.59 -5.33 5.51
CA ALA B 57 -10.93 -6.74 5.32
C ALA B 57 -9.81 -7.59 5.91
ZN ZN C . 8.56 3.96 9.04
ZN ZN D . 5.23 -8.04 0.48
C4 D3H E . -0.52 -6.25 12.71
C5 D3H E . 0.48 -5.28 12.92
C6 D3H E . 0.41 -4.39 14.00
C7 D3H E . 0.46 -7.44 10.85
C8 D3H E . 0.13 -8.56 9.84
N1 D3H E . -0.57 -7.17 11.71
N2 D3H E . 1.35 -9.27 9.41
C3 D3H E . -1.59 -6.30 13.61
N3 D3H E . -0.78 -3.63 15.91
C2 D3H E . -1.67 -5.41 14.68
C1 D3H E . -0.67 -4.46 14.88
O1 D3H E . 1.57 -6.90 10.83
ZN ZN F . -0.31 10.95 -8.21
ZN ZN G . -9.41 0.71 -1.50
#